data_1UU8
#
_entry.id   1UU8
#
_cell.length_a   122.397
_cell.length_b   122.397
_cell.length_c   48.016
_cell.angle_alpha   90.00
_cell.angle_beta   90.00
_cell.angle_gamma   120.00
#
_symmetry.space_group_name_H-M   'P 32 2 1'
#
loop_
_entity.id
_entity.type
_entity.pdbx_description
1 polymer '3-PHOSPHOINOSITIDE DEPENDENT PROTEIN KINASE-1'
2 non-polymer GLYCEROL
3 non-polymer 'SULFATE ION'
4 non-polymer 3-{1-[3-(DIMETHYLAMINO)PROPYL]-1H-INDOL-3-YL}-4-(1H-INDOL-3-YL)-1H-PYRROLE-2,5-DIONE
5 water water
#
_entity_poly.entity_id   1
_entity_poly.type   'polypeptide(L)'
_entity_poly.pdbx_seq_one_letter_code
;MDGTAAEPRPGAGSLQHAQPPPQPRKKRPEDFKFGKILGEGSFSTVVLARELATSREYAIKILEKRHIIKENKVPYVTRE
RDVMSRLDHPFFVKLYFTFQDDEKLYFGLSYAKNGELLKYIRKIGSFDETCTRFYTAEIVSALEYLHGKGIIHRDLKPEN
ILLNEDMHIQITDFGTAKVLSPESKQARAN(SEP)FVGTAQYVSPELLTEKSACKSSDLWALGCIIYQLVAGLPPFRAGN
EYLIFQKIIKLEYDFPEKFFPKARDLVEKLLVLDATKRLGCEEMEGYGPLKAHPFFESVTWENLHQQTPPKLTA
;
_entity_poly.pdbx_strand_id   A
#
loop_
_chem_comp.id
_chem_comp.type
_chem_comp.name
_chem_comp.formula
BI1 non-polymer 3-{1-[3-(DIMETHYLAMINO)PROPYL]-1H-INDOL-3-YL}-4-(1H-INDOL-3-YL)-1H-PYRROLE-2,5-DIONE 'C25 H24 N4 O2'
GOL non-polymer GLYCEROL 'C3 H8 O3'
SO4 non-polymer 'SULFATE ION' 'O4 S -2'
#
# COMPACT_ATOMS: atom_id res chain seq x y z
N PRO A 22 -9.55 8.06 -29.38
CA PRO A 22 -9.83 9.52 -29.25
C PRO A 22 -10.26 9.85 -27.81
N GLN A 23 -9.31 10.27 -26.97
CA GLN A 23 -9.57 10.59 -25.57
C GLN A 23 -9.92 12.07 -25.35
N PRO A 24 -10.44 12.42 -24.17
CA PRO A 24 -10.81 13.81 -23.85
C PRO A 24 -9.62 14.77 -24.00
N ARG A 25 -9.91 16.03 -24.35
CA ARG A 25 -8.86 17.06 -24.50
C ARG A 25 -7.96 16.97 -23.27
N LYS A 26 -6.65 17.19 -23.43
CA LYS A 26 -5.75 17.13 -22.29
C LYS A 26 -6.27 18.18 -21.31
N LYS A 27 -6.24 17.90 -20.01
CA LYS A 27 -6.73 18.90 -19.08
C LYS A 27 -5.60 19.85 -18.68
N ARG A 28 -5.94 20.96 -18.05
CA ARG A 28 -4.92 21.90 -17.64
C ARG A 28 -5.29 22.56 -16.30
N PRO A 29 -4.28 23.05 -15.57
CA PRO A 29 -4.46 23.68 -14.27
C PRO A 29 -5.70 24.56 -14.14
N GLU A 30 -5.90 25.46 -15.09
CA GLU A 30 -7.03 26.37 -15.03
C GLU A 30 -8.36 25.64 -15.06
N ASP A 31 -8.36 24.34 -15.39
CA ASP A 31 -9.62 23.60 -15.41
C ASP A 31 -10.03 23.29 -13.98
N PHE A 32 -9.12 23.56 -13.05
CA PHE A 32 -9.36 23.28 -11.66
C PHE A 32 -9.37 24.48 -10.71
N LYS A 33 -9.83 24.20 -9.50
CA LYS A 33 -9.90 25.16 -8.45
C LYS A 33 -9.19 24.37 -7.38
N PHE A 34 -7.92 24.67 -7.15
CA PHE A 34 -7.18 23.92 -6.15
C PHE A 34 -7.55 24.39 -4.76
N GLY A 35 -7.57 23.45 -3.82
CA GLY A 35 -7.91 23.80 -2.46
C GLY A 35 -6.80 23.45 -1.49
N LYS A 36 -7.16 22.80 -0.40
CA LYS A 36 -6.16 22.46 0.58
C LYS A 36 -5.17 21.41 0.12
N ILE A 37 -3.97 21.53 0.68
CA ILE A 37 -2.87 20.63 0.41
C ILE A 37 -3.15 19.45 1.31
N LEU A 38 -3.29 18.26 0.74
CA LEU A 38 -3.54 17.10 1.57
C LEU A 38 -2.25 16.62 2.21
N GLY A 39 -1.14 16.81 1.50
CA GLY A 39 0.15 16.38 2.03
C GLY A 39 1.31 16.80 1.17
N GLU A 40 2.52 16.79 1.76
CA GLU A 40 3.74 17.16 1.05
C GLU A 40 4.84 16.14 1.23
N GLY A 41 5.49 15.76 0.13
CA GLY A 41 6.59 14.82 0.18
C GLY A 41 7.84 15.56 -0.27
N SER A 42 8.96 14.87 -0.29
CA SER A 42 10.20 15.50 -0.73
C SER A 42 10.15 15.92 -2.20
N PHE A 43 9.53 15.08 -3.03
CA PHE A 43 9.44 15.35 -4.45
C PHE A 43 8.07 15.73 -4.98
N SER A 44 7.08 15.83 -4.10
CA SER A 44 5.76 16.21 -4.58
C SER A 44 4.82 16.74 -3.51
N THR A 45 3.67 17.22 -3.96
CA THR A 45 2.67 17.75 -3.07
C THR A 45 1.33 17.29 -3.62
N VAL A 46 0.50 16.71 -2.75
CA VAL A 46 -0.84 16.25 -3.17
C VAL A 46 -1.82 17.32 -2.72
N VAL A 47 -2.62 17.84 -3.64
CA VAL A 47 -3.57 18.90 -3.31
C VAL A 47 -4.96 18.56 -3.78
N LEU A 48 -5.96 18.82 -2.94
CA LEU A 48 -7.35 18.56 -3.29
C LEU A 48 -7.79 19.62 -4.30
N ALA A 49 -8.31 19.20 -5.45
CA ALA A 49 -8.75 20.12 -6.50
C ALA A 49 -10.15 19.76 -6.98
N ARG A 50 -10.93 20.77 -7.36
CA ARG A 50 -12.28 20.49 -7.84
C ARG A 50 -12.32 20.92 -9.28
N GLU A 51 -12.68 19.99 -10.16
CA GLU A 51 -12.78 20.31 -11.58
C GLU A 51 -13.99 21.20 -11.84
N LEU A 52 -13.73 22.42 -12.30
CA LEU A 52 -14.81 23.37 -12.59
C LEU A 52 -15.93 22.83 -13.48
N ALA A 53 -15.58 22.27 -14.63
CA ALA A 53 -16.58 21.75 -15.56
C ALA A 53 -17.50 20.65 -15.04
N THR A 54 -17.06 19.87 -14.05
CA THR A 54 -17.89 18.77 -13.55
C THR A 54 -18.14 18.70 -12.05
N SER A 55 -17.47 19.55 -11.27
CA SER A 55 -17.61 19.55 -9.80
C SER A 55 -16.93 18.34 -9.16
N ARG A 56 -16.30 17.51 -9.97
CA ARG A 56 -15.63 16.31 -9.47
C ARG A 56 -14.45 16.70 -8.64
N GLU A 57 -14.30 16.06 -7.50
CA GLU A 57 -13.21 16.35 -6.59
C GLU A 57 -12.13 15.31 -6.77
N TYR A 58 -10.91 15.75 -7.12
CA TYR A 58 -9.76 14.86 -7.31
C TYR A 58 -8.59 15.21 -6.40
N ALA A 59 -7.67 14.28 -6.22
CA ALA A 59 -6.47 14.53 -5.43
C ALA A 59 -5.40 14.64 -6.50
N ILE A 60 -4.89 15.84 -6.75
CA ILE A 60 -3.89 16.01 -7.79
C ILE A 60 -2.49 16.02 -7.21
N LYS A 61 -1.64 15.12 -7.69
CA LYS A 61 -0.27 15.05 -7.20
C LYS A 61 0.60 15.88 -8.11
N ILE A 62 1.24 16.89 -7.53
CA ILE A 62 2.09 17.81 -8.28
C ILE A 62 3.58 17.59 -8.03
N LEU A 63 4.32 17.32 -9.10
CA LEU A 63 5.75 17.10 -9.01
C LEU A 63 6.45 18.14 -9.85
N GLU A 64 7.50 18.73 -9.28
CA GLU A 64 8.25 19.77 -9.99
C GLU A 64 9.34 19.11 -10.87
N LYS A 65 9.23 19.29 -12.18
CA LYS A 65 10.17 18.70 -13.12
C LYS A 65 11.63 18.92 -12.76
N ARG A 66 12.03 20.16 -12.48
CA ARG A 66 13.43 20.41 -12.16
C ARG A 66 13.90 19.56 -11.01
N HIS A 67 13.16 19.55 -9.92
CA HIS A 67 13.59 18.78 -8.77
C HIS A 67 13.76 17.32 -9.12
N ILE A 68 12.84 16.79 -9.92
CA ILE A 68 12.88 15.40 -10.31
C ILE A 68 14.09 15.10 -11.14
N ILE A 69 14.39 16.02 -12.05
CA ILE A 69 15.53 15.86 -12.91
C ILE A 69 16.84 15.91 -12.11
N LYS A 70 16.99 16.93 -11.27
CA LYS A 70 18.18 17.05 -10.44
C LYS A 70 18.43 15.80 -9.61
N GLU A 71 17.41 15.28 -8.93
CA GLU A 71 17.64 14.11 -8.09
C GLU A 71 17.52 12.79 -8.79
N ASN A 72 17.56 12.79 -10.11
CA ASN A 72 17.44 11.56 -10.92
C ASN A 72 16.23 10.68 -10.61
N LYS A 73 15.04 11.27 -10.56
CA LYS A 73 13.83 10.54 -10.24
C LYS A 73 12.93 10.21 -11.41
N VAL A 74 13.29 10.68 -12.60
CA VAL A 74 12.51 10.42 -13.81
C VAL A 74 12.08 8.95 -13.93
N PRO A 75 12.98 8.02 -13.62
CA PRO A 75 12.62 6.60 -13.72
C PRO A 75 11.48 6.26 -12.75
N TYR A 76 11.48 6.95 -11.62
CA TYR A 76 10.47 6.75 -10.60
C TYR A 76 9.15 7.36 -10.98
N VAL A 77 9.18 8.59 -11.46
CA VAL A 77 7.92 9.22 -11.87
C VAL A 77 7.35 8.49 -13.07
N THR A 78 8.23 8.10 -13.98
CA THR A 78 7.77 7.38 -15.15
C THR A 78 7.08 6.12 -14.67
N ARG A 79 7.79 5.31 -13.86
CA ARG A 79 7.26 4.06 -13.33
C ARG A 79 5.93 4.20 -12.59
N GLU A 80 5.85 5.16 -11.68
CA GLU A 80 4.63 5.40 -10.93
C GLU A 80 3.45 5.60 -11.89
N ARG A 81 3.70 6.34 -12.97
CA ARG A 81 2.68 6.63 -13.97
C ARG A 81 2.33 5.40 -14.79
N ASP A 82 3.37 4.70 -15.21
CA ASP A 82 3.20 3.52 -16.01
C ASP A 82 2.56 2.35 -15.24
N VAL A 83 2.72 2.31 -13.91
CA VAL A 83 2.11 1.23 -13.13
C VAL A 83 0.64 1.52 -12.91
N MET A 84 0.35 2.72 -12.46
CA MET A 84 -1.02 3.10 -12.19
C MET A 84 -1.93 3.04 -13.40
N SER A 85 -1.36 3.21 -14.59
CA SER A 85 -2.18 3.17 -15.79
C SER A 85 -2.55 1.75 -16.11
N ARG A 86 -1.81 0.82 -15.54
CA ARG A 86 -2.06 -0.59 -15.77
C ARG A 86 -3.06 -1.18 -14.80
N LEU A 87 -3.34 -0.49 -13.71
CA LEU A 87 -4.26 -1.01 -12.71
C LEU A 87 -5.69 -0.63 -12.99
N ASP A 88 -6.58 -1.59 -12.81
CA ASP A 88 -8.01 -1.37 -13.00
C ASP A 88 -8.76 -2.25 -12.02
N HIS A 89 -8.70 -1.90 -10.74
CA HIS A 89 -9.34 -2.69 -9.69
C HIS A 89 -9.80 -1.81 -8.52
N PRO A 90 -10.99 -2.10 -7.99
CA PRO A 90 -11.49 -1.30 -6.90
C PRO A 90 -10.63 -1.01 -5.68
N PHE A 91 -9.64 -1.83 -5.35
CA PHE A 91 -8.83 -1.56 -4.16
C PHE A 91 -7.57 -0.77 -4.42
N PHE A 92 -7.56 -0.02 -5.50
CA PHE A 92 -6.40 0.76 -5.83
C PHE A 92 -6.80 2.15 -6.25
N VAL A 93 -6.00 3.12 -5.88
CA VAL A 93 -6.29 4.48 -6.28
C VAL A 93 -6.19 4.51 -7.79
N LYS A 94 -7.14 5.18 -8.41
CA LYS A 94 -7.17 5.26 -9.86
C LYS A 94 -6.52 6.54 -10.36
N LEU A 95 -5.80 6.43 -11.46
CA LEU A 95 -5.17 7.59 -12.05
C LEU A 95 -6.11 7.98 -13.18
N TYR A 96 -6.78 9.11 -13.04
CA TYR A 96 -7.73 9.53 -14.06
C TYR A 96 -7.08 10.29 -15.19
N PHE A 97 -6.00 11.01 -14.93
CA PHE A 97 -5.38 11.77 -16.01
C PHE A 97 -4.05 12.39 -15.61
N THR A 98 -3.33 12.88 -16.61
CA THR A 98 -2.08 13.55 -16.36
C THR A 98 -1.95 14.71 -17.34
N PHE A 99 -1.13 15.67 -16.97
CA PHE A 99 -0.87 16.81 -17.81
C PHE A 99 0.26 17.56 -17.15
N GLN A 100 0.82 18.52 -17.86
CA GLN A 100 1.90 19.27 -17.29
C GLN A 100 1.97 20.63 -17.91
N ASP A 101 2.64 21.53 -17.21
CA ASP A 101 2.82 22.87 -17.73
C ASP A 101 4.33 23.02 -17.89
N ASP A 102 4.81 24.25 -17.93
CA ASP A 102 6.22 24.49 -18.09
C ASP A 102 7.06 24.07 -16.87
N GLU A 103 6.44 23.96 -15.71
CA GLU A 103 7.24 23.62 -14.56
C GLU A 103 6.85 22.38 -13.78
N LYS A 104 5.58 21.99 -13.82
CA LYS A 104 5.15 20.84 -13.03
C LYS A 104 4.44 19.73 -13.79
N LEU A 105 4.34 18.59 -13.11
CA LEU A 105 3.67 17.40 -13.60
C LEU A 105 2.46 17.19 -12.71
N TYR A 106 1.31 16.91 -13.32
CA TYR A 106 0.09 16.71 -12.54
C TYR A 106 -0.53 15.34 -12.75
N PHE A 107 -0.91 14.66 -11.66
CA PHE A 107 -1.55 13.35 -11.73
C PHE A 107 -2.93 13.43 -11.09
N GLY A 108 -4.00 13.20 -11.85
CA GLY A 108 -5.32 13.28 -11.25
C GLY A 108 -5.63 11.94 -10.62
N LEU A 109 -5.75 11.90 -9.31
CA LEU A 109 -6.00 10.67 -8.58
C LEU A 109 -7.35 10.61 -7.84
N SER A 110 -7.81 9.40 -7.54
CA SER A 110 -9.04 9.28 -6.78
C SER A 110 -8.73 9.98 -5.45
N TYR A 111 -9.74 10.61 -4.88
CA TYR A 111 -9.58 11.25 -3.61
C TYR A 111 -10.30 10.38 -2.60
N ALA A 112 -9.51 9.65 -1.82
CA ALA A 112 -10.04 8.77 -0.79
C ALA A 112 -10.43 9.65 0.37
N LYS A 113 -11.73 9.88 0.53
CA LYS A 113 -12.26 10.75 1.59
C LYS A 113 -11.97 10.39 3.04
N ASN A 114 -11.76 9.11 3.35
CA ASN A 114 -11.53 8.72 4.74
C ASN A 114 -10.09 8.57 5.22
N GLY A 115 -9.16 9.21 4.53
CA GLY A 115 -7.77 9.15 4.95
C GLY A 115 -7.05 7.84 4.78
N GLU A 116 -6.19 7.52 5.73
CA GLU A 116 -5.39 6.30 5.69
C GLU A 116 -5.70 5.35 6.83
N LEU A 117 -5.35 4.10 6.62
CA LEU A 117 -5.60 3.07 7.59
C LEU A 117 -4.85 3.32 8.91
N LEU A 118 -3.70 3.96 8.82
CA LEU A 118 -2.93 4.24 10.02
C LEU A 118 -3.71 5.15 10.94
N LYS A 119 -4.43 6.10 10.38
CA LYS A 119 -5.23 7.03 11.19
C LYS A 119 -6.22 6.25 12.01
N TYR A 120 -6.92 5.32 11.36
CA TYR A 120 -7.87 4.51 12.08
C TYR A 120 -7.22 3.65 13.15
N ILE A 121 -6.12 2.99 12.81
CA ILE A 121 -5.45 2.18 13.81
C ILE A 121 -5.19 3.00 15.07
N ARG A 122 -4.69 4.22 14.92
CA ARG A 122 -4.41 5.10 16.06
C ARG A 122 -5.73 5.49 16.73
N LYS A 123 -6.63 6.01 15.91
CA LYS A 123 -7.95 6.44 16.38
C LYS A 123 -8.68 5.40 17.23
N ILE A 124 -8.82 4.17 16.75
CA ILE A 124 -9.54 3.19 17.54
C ILE A 124 -8.59 2.32 18.34
N GLY A 125 -7.30 2.43 18.04
CA GLY A 125 -6.32 1.67 18.79
C GLY A 125 -6.02 0.28 18.31
N SER A 126 -6.95 -0.64 18.50
CA SER A 126 -6.73 -2.02 18.12
C SER A 126 -8.02 -2.57 17.53
N PHE A 127 -7.92 -3.14 16.33
CA PHE A 127 -9.06 -3.71 15.63
C PHE A 127 -9.46 -5.03 16.23
N ASP A 128 -10.76 -5.31 16.32
CA ASP A 128 -11.12 -6.60 16.87
C ASP A 128 -11.00 -7.61 15.75
N GLU A 129 -11.56 -8.80 15.93
CA GLU A 129 -11.39 -9.79 14.90
C GLU A 129 -12.19 -9.60 13.64
N THR A 130 -13.41 -9.14 13.76
CA THR A 130 -14.24 -8.93 12.59
C THR A 130 -13.64 -7.92 11.62
N CYS A 131 -13.06 -6.83 12.15
CA CYS A 131 -12.47 -5.80 11.31
C CYS A 131 -11.07 -6.20 10.85
N THR A 132 -10.33 -6.85 11.72
CA THR A 132 -9.01 -7.32 11.36
C THR A 132 -9.18 -8.29 10.17
N ARG A 133 -10.13 -9.22 10.29
CA ARG A 133 -10.37 -10.16 9.21
C ARG A 133 -10.87 -9.47 7.95
N PHE A 134 -11.76 -8.50 8.07
CA PHE A 134 -12.24 -7.87 6.85
C PHE A 134 -11.15 -7.10 6.12
N TYR A 135 -10.45 -6.22 6.83
CA TYR A 135 -9.41 -5.43 6.21
C TYR A 135 -8.20 -6.19 5.69
N THR A 136 -7.80 -7.23 6.40
CA THR A 136 -6.69 -8.05 5.95
C THR A 136 -7.08 -8.67 4.63
N ALA A 137 -8.28 -9.26 4.60
CA ALA A 137 -8.80 -9.89 3.40
C ALA A 137 -8.73 -8.94 2.19
N GLU A 138 -9.18 -7.70 2.36
CA GLU A 138 -9.17 -6.78 1.24
C GLU A 138 -7.75 -6.57 0.78
N ILE A 139 -6.81 -6.57 1.71
CA ILE A 139 -5.43 -6.35 1.34
C ILE A 139 -4.89 -7.57 0.63
N VAL A 140 -5.18 -8.76 1.16
CA VAL A 140 -4.72 -9.97 0.52
C VAL A 140 -5.25 -9.99 -0.91
N SER A 141 -6.54 -9.70 -1.01
CA SER A 141 -7.22 -9.69 -2.29
C SER A 141 -6.64 -8.68 -3.29
N ALA A 142 -6.17 -7.55 -2.78
CA ALA A 142 -5.59 -6.51 -3.62
C ALA A 142 -4.17 -6.85 -4.05
N LEU A 143 -3.45 -7.61 -3.24
CA LEU A 143 -2.09 -7.97 -3.60
C LEU A 143 -2.11 -9.10 -4.61
N GLU A 144 -3.05 -10.01 -4.41
CA GLU A 144 -3.17 -11.12 -5.34
C GLU A 144 -3.29 -10.56 -6.75
N TYR A 145 -4.05 -9.48 -6.89
CA TYR A 145 -4.25 -8.81 -8.19
C TYR A 145 -2.98 -8.13 -8.66
N LEU A 146 -2.34 -7.41 -7.75
CA LEU A 146 -1.12 -6.70 -8.05
C LEU A 146 -0.07 -7.69 -8.48
N HIS A 147 0.14 -8.70 -7.64
CA HIS A 147 1.14 -9.71 -7.94
C HIS A 147 0.79 -10.55 -9.16
N GLY A 148 -0.48 -10.54 -9.53
CA GLY A 148 -0.86 -11.34 -10.67
C GLY A 148 -0.37 -10.66 -11.90
N LYS A 149 -0.22 -9.34 -11.84
CA LYS A 149 0.26 -8.57 -12.97
C LYS A 149 1.75 -8.40 -12.91
N GLY A 150 2.42 -9.22 -12.12
CA GLY A 150 3.86 -9.10 -12.01
C GLY A 150 4.32 -7.76 -11.48
N ILE A 151 3.60 -7.17 -10.54
CA ILE A 151 4.02 -5.89 -9.99
C ILE A 151 4.16 -6.02 -8.48
N ILE A 152 5.17 -5.39 -7.90
CA ILE A 152 5.32 -5.41 -6.46
C ILE A 152 5.34 -3.97 -6.01
N HIS A 153 4.69 -3.70 -4.90
CA HIS A 153 4.58 -2.37 -4.36
C HIS A 153 5.91 -1.87 -3.78
N ARG A 154 6.50 -2.67 -2.89
CA ARG A 154 7.78 -2.36 -2.26
C ARG A 154 7.78 -1.31 -1.18
N ASP A 155 6.60 -0.91 -0.73
CA ASP A 155 6.50 0.04 0.35
C ASP A 155 5.09 0.04 0.90
N LEU A 156 4.58 -1.15 1.12
CA LEU A 156 3.24 -1.31 1.64
C LEU A 156 3.22 -0.98 3.13
N LYS A 157 2.21 -0.23 3.55
CA LYS A 157 2.03 0.17 4.96
C LYS A 157 0.68 0.84 5.15
N PRO A 158 0.18 0.93 6.40
CA PRO A 158 -1.11 1.55 6.66
C PRO A 158 -1.24 2.99 6.15
N GLU A 159 -0.13 3.70 5.98
CA GLU A 159 -0.19 5.08 5.49
C GLU A 159 -0.51 5.09 4.00
N ASN A 160 -0.15 4.00 3.32
CA ASN A 160 -0.36 3.82 1.88
C ASN A 160 -1.63 3.08 1.55
N ILE A 161 -2.41 2.77 2.57
CA ILE A 161 -3.66 2.04 2.35
C ILE A 161 -4.80 2.94 2.76
N LEU A 162 -5.29 3.72 1.80
CA LEU A 162 -6.36 4.66 2.05
C LEU A 162 -7.69 3.99 2.23
N LEU A 163 -8.69 4.77 2.65
CA LEU A 163 -10.04 4.27 2.85
C LEU A 163 -11.01 5.20 2.10
N ASN A 164 -11.80 4.68 1.19
CA ASN A 164 -12.69 5.57 0.47
C ASN A 164 -13.88 5.97 1.33
N GLU A 165 -14.82 6.69 0.74
CA GLU A 165 -16.01 7.11 1.48
C GLU A 165 -16.84 5.91 1.91
N ASP A 166 -16.64 4.78 1.22
CA ASP A 166 -17.40 3.59 1.56
C ASP A 166 -16.67 2.74 2.58
N MET A 167 -15.51 3.22 3.00
CA MET A 167 -14.68 2.52 3.96
C MET A 167 -13.98 1.31 3.42
N HIS A 168 -13.99 1.13 2.12
CA HIS A 168 -13.24 0.04 1.55
C HIS A 168 -11.84 0.64 1.35
N ILE A 169 -10.84 -0.20 1.23
CA ILE A 169 -9.46 0.26 1.05
C ILE A 169 -9.14 0.68 -0.37
N GLN A 170 -8.14 1.54 -0.49
CA GLN A 170 -7.68 1.97 -1.79
C GLN A 170 -6.18 2.20 -1.62
N ILE A 171 -5.39 1.29 -2.15
CA ILE A 171 -3.95 1.41 -2.03
C ILE A 171 -3.33 2.39 -3.02
N THR A 172 -2.34 3.16 -2.54
CA THR A 172 -1.64 4.14 -3.36
C THR A 172 -0.12 4.12 -3.17
N ASP A 173 0.54 5.18 -3.65
CA ASP A 173 1.98 5.36 -3.57
C ASP A 173 2.73 4.29 -4.34
N PHE A 174 2.66 4.37 -5.67
CA PHE A 174 3.27 3.39 -6.56
C PHE A 174 4.56 3.83 -7.19
N GLY A 175 5.03 5.02 -6.82
CA GLY A 175 6.27 5.54 -7.34
C GLY A 175 7.44 4.63 -7.06
N THR A 176 7.41 3.96 -5.92
CA THR A 176 8.49 3.05 -5.58
C THR A 176 8.23 1.59 -6.05
N ALA A 177 7.11 1.37 -6.72
CA ALA A 177 6.73 0.05 -7.22
C ALA A 177 7.75 -0.54 -8.20
N LYS A 178 7.59 -1.80 -8.57
CA LYS A 178 8.52 -2.44 -9.49
C LYS A 178 7.82 -3.48 -10.32
N VAL A 179 8.08 -3.45 -11.63
CA VAL A 179 7.48 -4.41 -12.53
C VAL A 179 8.52 -5.43 -12.85
N LEU A 180 8.17 -6.70 -12.65
CA LEU A 180 9.08 -7.81 -12.87
C LEU A 180 9.35 -8.22 -14.30
N SER A 181 10.53 -8.82 -14.48
CA SER A 181 11.01 -9.34 -15.77
C SER A 181 11.73 -10.68 -15.54
N ASN A 190 16.25 -3.47 -7.32
CA ASN A 190 17.02 -3.50 -6.08
C ASN A 190 17.71 -2.16 -5.82
N SEP A 191 16.94 -1.08 -5.90
CA SEP A 191 17.47 0.27 -5.69
CB SEP A 191 17.40 1.07 -7.00
OG SEP A 191 15.80 1.19 -7.19
C SEP A 191 16.72 1.04 -4.63
O SEP A 191 17.03 2.21 -4.38
P SEP A 191 15.13 0.46 -8.30
O1P SEP A 191 13.73 0.97 -8.44
O2P SEP A 191 15.86 0.69 -9.58
O3P SEP A 191 15.09 -0.99 -8.01
N PHE A 192 15.74 0.41 -4.01
CA PHE A 192 14.91 1.09 -3.01
C PHE A 192 14.61 0.29 -1.76
N VAL A 193 14.25 1.00 -0.70
CA VAL A 193 13.88 0.38 0.56
C VAL A 193 12.73 1.18 1.18
N GLY A 194 11.59 0.53 1.35
CA GLY A 194 10.45 1.21 1.93
C GLY A 194 10.70 1.59 3.36
N THR A 195 9.62 1.84 4.09
CA THR A 195 9.70 2.23 5.49
C THR A 195 10.31 1.14 6.37
N ALA A 196 11.31 1.54 7.15
CA ALA A 196 12.03 0.63 8.02
C ALA A 196 11.26 -0.45 8.75
N GLN A 197 10.16 -0.10 9.43
CA GLN A 197 9.44 -1.12 10.19
C GLN A 197 8.74 -2.19 9.37
N TYR A 198 8.77 -2.06 8.05
CA TYR A 198 8.08 -3.04 7.20
C TYR A 198 9.05 -3.73 6.26
N VAL A 199 10.31 -3.32 6.30
CA VAL A 199 11.36 -3.88 5.45
C VAL A 199 11.58 -5.37 5.72
N SER A 200 11.62 -6.19 4.68
CA SER A 200 11.82 -7.62 4.87
C SER A 200 13.28 -7.87 5.10
N PRO A 201 13.61 -9.01 5.68
CA PRO A 201 15.02 -9.26 5.92
C PRO A 201 15.84 -9.50 4.68
N GLU A 202 15.26 -10.08 3.62
CA GLU A 202 16.02 -10.32 2.39
C GLU A 202 16.44 -9.02 1.77
N LEU A 203 15.69 -7.98 2.09
CA LEU A 203 15.97 -6.67 1.57
C LEU A 203 17.22 -6.11 2.27
N LEU A 204 17.44 -6.55 3.50
CA LEU A 204 18.58 -6.11 4.28
C LEU A 204 19.81 -7.01 4.11
N THR A 205 19.74 -8.03 3.28
CA THR A 205 20.89 -8.91 3.11
C THR A 205 21.31 -9.12 1.64
N GLU A 206 20.34 -9.19 0.73
CA GLU A 206 20.63 -9.41 -0.69
C GLU A 206 20.46 -8.16 -1.54
N LYS A 207 19.79 -7.14 -1.01
CA LYS A 207 19.55 -5.92 -1.78
C LYS A 207 18.74 -6.27 -3.03
N SER A 208 17.50 -6.69 -2.83
CA SER A 208 16.61 -7.07 -3.95
C SER A 208 15.24 -7.52 -3.43
N ALA A 209 14.18 -6.84 -3.89
CA ALA A 209 12.84 -7.20 -3.45
C ALA A 209 12.03 -8.01 -4.48
N CYS A 210 11.11 -8.82 -3.97
CA CYS A 210 10.25 -9.65 -4.79
C CYS A 210 8.90 -9.67 -4.12
N LYS A 211 7.98 -10.47 -4.64
CA LYS A 211 6.64 -10.56 -4.08
C LYS A 211 6.71 -10.78 -2.59
N SER A 212 7.68 -11.58 -2.18
CA SER A 212 7.89 -11.93 -0.80
C SER A 212 7.93 -10.73 0.12
N SER A 213 8.60 -9.68 -0.32
CA SER A 213 8.72 -8.49 0.49
C SER A 213 7.38 -7.87 0.81
N ASP A 214 6.43 -7.96 -0.12
CA ASP A 214 5.09 -7.44 0.16
C ASP A 214 4.35 -8.35 1.16
N LEU A 215 4.57 -9.66 1.06
CA LEU A 215 3.93 -10.61 1.98
C LEU A 215 4.48 -10.39 3.37
N TRP A 216 5.75 -10.04 3.47
CA TRP A 216 6.34 -9.78 4.77
C TRP A 216 5.63 -8.57 5.37
N ALA A 217 5.53 -7.51 4.58
CA ALA A 217 4.88 -6.28 5.01
C ALA A 217 3.46 -6.58 5.49
N LEU A 218 2.76 -7.42 4.73
CA LEU A 218 1.40 -7.83 5.09
C LEU A 218 1.42 -8.44 6.48
N GLY A 219 2.27 -9.43 6.68
CA GLY A 219 2.37 -10.01 8.00
C GLY A 219 2.48 -8.91 9.04
N CYS A 220 3.39 -7.96 8.80
CA CYS A 220 3.58 -6.85 9.74
C CYS A 220 2.31 -6.07 10.01
N ILE A 221 1.57 -5.80 8.95
CA ILE A 221 0.34 -5.03 9.02
C ILE A 221 -0.76 -5.77 9.74
N ILE A 222 -0.90 -7.06 9.50
CA ILE A 222 -1.92 -7.83 10.19
C ILE A 222 -1.63 -7.78 11.68
N TYR A 223 -0.35 -7.81 12.02
CA TYR A 223 0.07 -7.80 13.41
C TYR A 223 -0.26 -6.45 14.00
N GLN A 224 -0.06 -5.42 13.19
CA GLN A 224 -0.32 -4.08 13.65
C GLN A 224 -1.81 -3.81 13.88
N LEU A 225 -2.67 -4.49 13.13
CA LEU A 225 -4.12 -4.29 13.27
C LEU A 225 -4.62 -4.88 14.60
N VAL A 226 -4.10 -6.04 14.92
CA VAL A 226 -4.47 -6.72 16.14
C VAL A 226 -3.78 -6.12 17.36
N ALA A 227 -2.47 -5.96 17.32
CA ALA A 227 -1.74 -5.41 18.45
C ALA A 227 -1.83 -3.90 18.62
N GLY A 228 -2.07 -3.16 17.55
CA GLY A 228 -2.16 -1.72 17.68
C GLY A 228 -0.85 -1.07 17.25
N LEU A 229 0.21 -1.87 17.13
CA LEU A 229 1.52 -1.38 16.72
C LEU A 229 2.26 -2.41 15.87
N PRO A 230 3.21 -1.97 15.04
CA PRO A 230 3.95 -2.93 14.20
C PRO A 230 4.84 -3.82 15.06
N PRO A 231 5.20 -5.01 14.55
CA PRO A 231 6.04 -5.98 15.25
C PRO A 231 7.45 -5.57 15.67
N PHE A 232 8.17 -4.91 14.78
CA PHE A 232 9.53 -4.52 15.09
C PHE A 232 9.64 -3.02 15.41
N ARG A 233 10.03 -2.71 16.62
CA ARG A 233 10.14 -1.31 17.06
C ARG A 233 11.41 -1.07 17.85
N ALA A 234 12.02 0.10 17.67
CA ALA A 234 13.24 0.41 18.39
C ALA A 234 13.57 1.90 18.26
N GLY A 235 14.63 2.34 18.95
CA GLY A 235 15.00 3.75 18.92
C GLY A 235 15.45 4.33 17.60
N ASN A 236 16.06 3.54 16.73
CA ASN A 236 16.48 4.10 15.46
C ASN A 236 16.31 3.06 14.39
N GLU A 237 16.70 3.38 13.16
CA GLU A 237 16.53 2.40 12.12
C GLU A 237 17.44 1.22 12.28
N TYR A 238 18.70 1.47 12.60
CA TYR A 238 19.65 0.38 12.73
C TYR A 238 19.15 -0.68 13.70
N LEU A 239 18.59 -0.25 14.84
CA LEU A 239 18.08 -1.19 15.83
C LEU A 239 16.87 -1.94 15.31
N ILE A 240 16.11 -1.32 14.44
CA ILE A 240 14.93 -1.97 13.86
C ILE A 240 15.43 -3.06 12.91
N PHE A 241 16.37 -2.70 12.05
CA PHE A 241 16.94 -3.66 11.11
C PHE A 241 17.54 -4.84 11.85
N GLN A 242 18.11 -4.55 13.01
CA GLN A 242 18.75 -5.59 13.81
C GLN A 242 17.69 -6.60 14.23
N LYS A 243 16.53 -6.11 14.67
CA LYS A 243 15.48 -7.01 15.12
C LYS A 243 14.91 -7.84 13.98
N ILE A 244 14.68 -7.17 12.86
CA ILE A 244 14.12 -7.84 11.70
C ILE A 244 14.91 -9.07 11.31
N ILE A 245 16.22 -8.93 11.13
CA ILE A 245 17.00 -10.08 10.68
C ILE A 245 17.17 -11.17 11.73
N LYS A 246 16.89 -10.86 12.99
CA LYS A 246 17.01 -11.86 14.04
C LYS A 246 15.61 -12.33 14.36
N LEU A 247 14.63 -11.73 13.67
CA LEU A 247 13.20 -12.02 13.85
C LEU A 247 12.85 -11.83 15.31
N GLU A 248 13.22 -10.68 15.85
CA GLU A 248 13.00 -10.39 17.25
C GLU A 248 11.70 -9.64 17.60
N TYR A 249 10.61 -10.36 17.82
CA TYR A 249 9.37 -9.72 18.18
C TYR A 249 8.52 -10.76 18.89
N ASP A 250 7.40 -10.36 19.47
CA ASP A 250 6.53 -11.33 20.12
C ASP A 250 5.10 -10.84 20.14
N PHE A 251 4.17 -11.76 20.30
CA PHE A 251 2.75 -11.40 20.31
C PHE A 251 2.20 -11.15 21.71
N PRO A 252 1.22 -10.24 21.81
CA PRO A 252 0.62 -9.96 23.11
C PRO A 252 -0.12 -11.20 23.56
N GLU A 253 -0.46 -11.26 24.85
CA GLU A 253 -1.14 -12.42 25.43
C GLU A 253 -2.47 -12.85 24.77
N LYS A 254 -3.34 -11.89 24.46
CA LYS A 254 -4.64 -12.26 23.88
C LYS A 254 -4.83 -12.03 22.36
N PHE A 255 -3.74 -12.24 21.62
CA PHE A 255 -3.71 -12.10 20.18
C PHE A 255 -4.51 -13.25 19.57
N PHE A 256 -5.54 -12.93 18.79
CA PHE A 256 -6.38 -13.95 18.16
C PHE A 256 -5.45 -15.02 17.65
N PRO A 257 -5.63 -16.26 18.10
CA PRO A 257 -4.82 -17.44 17.74
C PRO A 257 -4.72 -17.73 16.25
N LYS A 258 -5.82 -17.64 15.52
CA LYS A 258 -5.73 -17.92 14.11
C LYS A 258 -4.96 -16.79 13.43
N ALA A 259 -5.11 -15.57 13.93
CA ALA A 259 -4.35 -14.45 13.36
C ALA A 259 -2.88 -14.67 13.62
N ARG A 260 -2.54 -15.02 14.85
CA ARG A 260 -1.14 -15.27 15.21
C ARG A 260 -0.53 -16.33 14.29
N ASP A 261 -1.25 -17.42 14.13
CA ASP A 261 -0.75 -18.47 13.28
C ASP A 261 -0.45 -17.92 11.90
N LEU A 262 -1.39 -17.17 11.34
CA LEU A 262 -1.21 -16.55 10.02
C LEU A 262 0.06 -15.70 9.96
N VAL A 263 0.20 -14.77 10.89
CA VAL A 263 1.39 -13.91 10.97
C VAL A 263 2.67 -14.74 11.08
N GLU A 264 2.59 -15.86 11.76
CA GLU A 264 3.78 -16.68 11.90
C GLU A 264 4.18 -17.33 10.58
N LYS A 265 3.25 -17.41 9.66
CA LYS A 265 3.53 -18.03 8.39
C LYS A 265 3.90 -16.99 7.35
N LEU A 266 3.83 -15.71 7.70
CA LEU A 266 4.20 -14.66 6.77
C LEU A 266 5.54 -14.10 7.18
N LEU A 267 5.71 -13.84 8.48
CA LEU A 267 6.96 -13.33 9.00
C LEU A 267 7.92 -14.49 9.18
N VAL A 268 8.47 -14.95 8.06
CA VAL A 268 9.40 -16.07 8.02
C VAL A 268 10.66 -15.56 7.34
N LEU A 269 11.81 -15.72 7.97
CA LEU A 269 13.04 -15.22 7.38
C LEU A 269 13.30 -15.77 5.98
N ASP A 270 13.07 -17.06 5.80
CA ASP A 270 13.25 -17.69 4.49
C ASP A 270 12.11 -17.23 3.57
N ALA A 271 12.40 -16.25 2.73
CA ALA A 271 11.40 -15.70 1.81
C ALA A 271 10.62 -16.71 1.03
N THR A 272 11.28 -17.75 0.56
CA THR A 272 10.63 -18.77 -0.25
C THR A 272 9.67 -19.67 0.51
N LYS A 273 9.48 -19.41 1.80
CA LYS A 273 8.58 -20.24 2.59
C LYS A 273 7.45 -19.42 3.20
N ARG A 274 7.11 -18.29 2.57
CA ARG A 274 6.03 -17.44 3.06
C ARG A 274 4.72 -17.74 2.35
N LEU A 275 3.67 -17.87 3.14
CA LEU A 275 2.35 -18.16 2.61
C LEU A 275 2.09 -17.11 1.54
N GLY A 276 1.66 -17.56 0.36
CA GLY A 276 1.39 -16.66 -0.75
C GLY A 276 2.44 -16.70 -1.85
N CYS A 277 3.66 -17.09 -1.51
CA CYS A 277 4.70 -17.14 -2.53
C CYS A 277 4.46 -18.34 -3.42
N GLU A 278 4.89 -18.22 -4.69
CA GLU A 278 4.75 -19.30 -5.67
C GLU A 278 5.33 -20.60 -5.16
N GLU A 279 6.42 -20.46 -4.41
CA GLU A 279 7.11 -21.60 -3.83
C GLU A 279 6.17 -22.30 -2.87
N MET A 280 5.24 -21.54 -2.28
CA MET A 280 4.29 -22.14 -1.35
C MET A 280 2.95 -22.34 -2.04
N GLU A 281 2.98 -22.29 -3.36
CA GLU A 281 1.80 -22.49 -4.19
C GLU A 281 0.81 -21.33 -4.30
N GLY A 282 1.31 -20.11 -4.07
CA GLY A 282 0.48 -18.93 -4.25
C GLY A 282 -0.61 -18.53 -3.30
N TYR A 283 -1.54 -17.73 -3.82
CA TYR A 283 -2.64 -17.21 -3.03
C TYR A 283 -3.72 -18.21 -2.66
N GLY A 284 -3.75 -19.36 -3.34
CA GLY A 284 -4.74 -20.36 -2.99
C GLY A 284 -4.64 -20.71 -1.52
N PRO A 285 -3.49 -21.25 -1.09
CA PRO A 285 -3.25 -21.63 0.29
C PRO A 285 -3.45 -20.48 1.25
N LEU A 286 -2.93 -19.31 0.90
CA LEU A 286 -3.06 -18.14 1.75
C LEU A 286 -4.49 -17.75 2.02
N LYS A 287 -5.30 -17.67 0.97
CA LYS A 287 -6.70 -17.30 1.17
C LYS A 287 -7.46 -18.38 1.92
N ALA A 288 -6.91 -19.60 1.91
CA ALA A 288 -7.53 -20.73 2.58
C ALA A 288 -7.21 -20.82 4.07
N HIS A 289 -6.28 -20.00 4.55
CA HIS A 289 -5.94 -20.04 5.97
C HIS A 289 -7.17 -19.98 6.87
N PRO A 290 -7.15 -20.76 7.96
CA PRO A 290 -8.29 -20.80 8.89
C PRO A 290 -8.75 -19.43 9.33
N PHE A 291 -7.81 -18.51 9.45
CA PHE A 291 -8.19 -17.17 9.88
C PHE A 291 -9.26 -16.55 8.99
N PHE A 292 -9.27 -16.97 7.73
CA PHE A 292 -10.19 -16.42 6.75
C PHE A 292 -11.38 -17.34 6.49
N GLU A 293 -11.57 -18.35 7.35
CA GLU A 293 -12.67 -19.30 7.18
C GLU A 293 -13.97 -18.67 6.69
N SER A 294 -14.50 -17.71 7.43
CA SER A 294 -15.77 -17.10 7.05
C SER A 294 -15.76 -16.08 5.91
N VAL A 295 -14.59 -15.80 5.33
CA VAL A 295 -14.49 -14.81 4.24
C VAL A 295 -14.99 -15.29 2.87
N THR A 296 -15.73 -14.43 2.16
CA THR A 296 -16.18 -14.74 0.79
C THR A 296 -15.32 -13.83 -0.09
N TRP A 297 -14.28 -14.40 -0.70
CA TRP A 297 -13.33 -13.61 -1.50
C TRP A 297 -13.82 -13.06 -2.83
N GLU A 298 -14.73 -13.77 -3.44
CA GLU A 298 -15.24 -13.40 -4.74
C GLU A 298 -15.82 -11.98 -4.91
N ASN A 299 -16.07 -11.26 -3.82
CA ASN A 299 -16.67 -9.93 -3.96
C ASN A 299 -16.57 -9.08 -2.71
N LEU A 300 -15.37 -8.98 -2.16
CA LEU A 300 -15.23 -8.19 -0.95
C LEU A 300 -15.67 -6.77 -1.19
N HIS A 301 -15.44 -6.27 -2.40
CA HIS A 301 -15.79 -4.91 -2.73
C HIS A 301 -17.26 -4.59 -2.56
N GLN A 302 -18.11 -5.61 -2.69
CA GLN A 302 -19.55 -5.47 -2.55
C GLN A 302 -20.09 -5.68 -1.15
N GLN A 303 -19.27 -6.18 -0.25
CA GLN A 303 -19.75 -6.39 1.10
C GLN A 303 -19.69 -5.08 1.86
N THR A 304 -20.39 -5.02 2.97
CA THR A 304 -20.40 -3.82 3.79
C THR A 304 -19.30 -3.95 4.84
N PRO A 305 -18.39 -2.96 4.92
CA PRO A 305 -17.34 -3.06 5.92
C PRO A 305 -17.96 -3.01 7.30
N PRO A 306 -17.45 -3.78 8.25
CA PRO A 306 -18.01 -3.77 9.59
C PRO A 306 -17.72 -2.42 10.24
N LYS A 307 -18.73 -1.77 10.79
CA LYS A 307 -18.51 -0.47 11.42
C LYS A 307 -17.85 -0.70 12.78
N LEU A 308 -17.55 0.32 13.44
C1 GOL B . 1.29 14.12 -19.20
O1 GOL B . 1.35 14.88 -20.40
C2 GOL B . 2.70 13.85 -18.67
O2 GOL B . 3.45 13.15 -19.67
C3 GOL B . 2.63 13.03 -17.36
O3 GOL B . 3.94 12.75 -16.83
C1 GOL C . -1.33 24.98 -10.21
O1 GOL C . -2.00 25.97 -10.99
C2 GOL C . -0.05 25.49 -9.65
O2 GOL C . 0.45 24.44 -8.89
C3 GOL C . -0.31 26.68 -8.75
O3 GOL C . 0.97 27.12 -8.26
C1 GOL D . 3.96 11.86 -2.62
O1 GOL D . 4.08 10.45 -2.43
C2 GOL D . 2.95 12.47 -1.66
O2 GOL D . 2.99 13.90 -1.92
C3 GOL D . 3.32 12.25 -0.17
O3 GOL D . 2.35 12.88 0.66
C1 GOL E . 7.13 -15.37 17.63
O1 GOL E . 6.56 -15.71 18.88
C2 GOL E . 8.64 -15.33 17.79
O2 GOL E . 8.95 -14.37 18.80
C3 GOL E . 9.29 -14.96 16.46
O3 GOL E . 10.71 -14.92 16.59
C1 GOL F . -7.19 28.22 -8.73
O1 GOL F . -6.67 26.93 -8.46
C2 GOL F . -7.29 28.99 -7.43
O2 GOL F . -8.12 28.30 -6.50
C3 GOL F . -7.85 30.38 -7.69
O3 GOL F . -7.94 31.06 -6.44
C1 GOL G . -13.95 11.54 -9.57
O1 GOL G . -15.34 11.56 -9.89
C2 GOL G . -13.81 11.05 -8.15
O2 GOL G . -14.51 11.93 -7.30
C3 GOL G . -12.34 11.01 -7.77
O3 GOL G . -12.23 10.54 -6.42
C1 GOL H . -13.56 -7.55 -5.49
O1 GOL H . -14.75 -7.36 -4.72
C2 GOL H . -13.10 -9.00 -5.39
O2 GOL H . -12.83 -9.38 -4.01
C3 GOL H . -11.83 -9.22 -6.22
O3 GOL H . -10.81 -8.35 -5.73
S SO4 I . -13.03 6.76 -6.83
O1 SO4 I . -13.11 5.53 -6.02
O2 SO4 I . -11.75 6.78 -7.55
O3 SO4 I . -13.16 7.94 -5.95
O4 SO4 I . -14.14 6.79 -7.78
S SO4 J . -18.68 10.66 -10.75
O1 SO4 J . -18.94 11.04 -9.34
O2 SO4 J . -18.58 11.89 -11.55
O3 SO4 J . -19.80 9.85 -11.27
O4 SO4 J . -17.40 9.93 -10.85
S SO4 K . 7.70 12.05 -2.63
O1 SO4 K . 8.87 11.70 -3.46
O2 SO4 K . 6.56 11.27 -3.12
O3 SO4 K . 7.41 13.48 -2.77
O4 SO4 K . 7.99 11.70 -1.22
CBD BI1 L . 1.89 11.37 3.18
NBC BI1 L . 1.06 10.21 3.52
CBE BI1 L . 1.74 8.94 3.79
CBB BI1 L . -0.30 10.20 2.94
CBA BI1 L . -0.80 8.81 2.54
CAY BI1 L . -0.16 8.27 1.26
NAH BI1 L . -0.73 8.82 0.02
CAW BI1 L . -2.02 9.17 -0.12
CAE BI1 L . -0.05 8.95 -1.11
CAF BI1 L . 1.27 8.68 -1.48
CAA BI1 L . 1.66 8.88 -2.80
CAB BI1 L . 0.73 9.33 -3.74
CAC BI1 L . -0.59 9.59 -3.36
CAD BI1 L . -0.98 9.39 -2.04
CAG BI1 L . -2.20 9.53 -1.39
CAI BI1 L . -3.47 9.87 -1.86
CAT BI1 L . -3.98 9.45 -3.09
OAZ BI1 L . -3.41 8.81 -3.96
NAU BI1 L . -5.25 9.88 -3.11
CAV BI1 L . -5.61 10.52 -2.00
OAX BI1 L . -6.72 10.98 -1.75
CAJ BI1 L . -4.48 10.54 -1.19
CAK BI1 L . -4.41 11.18 0.04
CAM BI1 L . -3.40 11.89 0.67
CAP BI1 L . -2.09 12.21 0.32
CAQ BI1 L . -1.30 12.96 1.19
CAR BI1 L . -1.80 13.38 2.41
CAS BI1 L . -3.11 13.07 2.77
CAN BI1 L . -3.90 12.33 1.90
NAO BI1 L . -5.15 11.87 1.94
CAL BI1 L . -5.46 11.20 0.84
#